data_3SE3
#
_entry.id   3SE3
#
_cell.length_a   93.370
_cell.length_b   93.370
_cell.length_c   401.500
_cell.angle_alpha   90.00
_cell.angle_beta   90.00
_cell.angle_gamma   120.00
#
_symmetry.space_group_name_H-M   'P 61 2 2'
#
loop_
_entity.id
_entity.type
_entity.pdbx_description
1 polymer 'Interferon alpha/beta receptor 1'
2 polymer 'Interferon alpha 2b'
3 polymer 'Interferon alpha/beta receptor 2'
4 non-polymer 2-acetamido-2-deoxy-beta-D-glucopyranose
#
loop_
_entity_poly.entity_id
_entity_poly.type
_entity_poly.pdbx_seq_one_letter_code
_entity_poly.pdbx_strand_id
1 'polypeptide(L)'
;ADLGSKNLKSPQKVEVDIIDDNFILRWNRSDESVGNVTFSFDYQKTGMDNWIKLSGCQNITSTKCNFSSLKLNVYEEIKL
RIRAEKENTSSWYEVDSFTPFRKAQIGPPEVHLEAEDKAIVIHISPGTKDSVMWALDGLSFTYSLVIWKNSSGVEERIEN
IYSRHKIYKLSPETTYCLKVKAALLTSWKIGVYSPVHCIKTTVENELPPPENIEVSVQNQNYVLKWDYTYANMTFQVQWL
HAFLKRNPGNHLYKWKQIPDCENVKTTQCVFPQNVFQKGIYLLRVQASDGNNTSFWSEEIKFDTEIQAFLLPPVFNIRSL
SDSFHIYIGAPKQSGNTPVIQDYPLIYEIIFWENTSNAERKIIEKKTDVTVPNLKPLTVYCVKARAHTMDEKLNKSSVFS
DAVCEKTKPGNTSK
;
A
2 'polypeptide(L)'
;MCDLPQTHSLGSRRTLMLLAQMRRISLFSCLKDRHDFGFPQEEFGNQFQKAETIPVLYNMISQIFNLFSTKDSSAAWDET
LLDKFYTELYQQLNDLEACVIQGVGVTETPLMKEDSILAVRKYFQRITLYLKEKKYSPCAWEVVRAEIMRSFSLSTNLQE
SLRSKE
;
B
3 'polypeptide(L)'
;YTDESCTFKISLRNFRSILSWELKNHSIVPTHYTLLYTIMSKPEDLKVVKNCANTTRSFCDLTDEWRSTHEAYVTVLEGF
SGNTTLFSCSHNFWLAIDMSFEPPEFEIVGFTNHINVMVKFPSIVEEELQFDLSLVIEEQSEGIVKKHKPEIKGNMSGNF
TYIIDKLIPNTNYCVSVYLEHSDEQAVIKSPLKCTLLPP
;
C
#
# COMPACT_ATOMS: atom_id res chain seq x y z
N PRO A 11 -18.85 -32.18 32.08
CA PRO A 11 -17.96 -31.99 30.93
C PRO A 11 -16.65 -31.27 31.30
N GLN A 12 -15.56 -32.02 31.43
CA GLN A 12 -14.26 -31.43 31.77
C GLN A 12 -13.53 -30.93 30.51
N LYS A 13 -13.13 -29.66 30.51
CA LYS A 13 -12.63 -28.97 29.31
C LYS A 13 -11.28 -29.43 28.75
N VAL A 14 -11.04 -29.12 27.48
CA VAL A 14 -9.83 -29.54 26.77
C VAL A 14 -8.95 -28.35 26.32
N GLU A 15 -7.64 -28.57 26.27
CA GLU A 15 -6.67 -27.53 25.89
C GLU A 15 -5.94 -27.86 24.57
N VAL A 16 -6.25 -27.06 23.54
CA VAL A 16 -5.93 -27.36 22.14
C VAL A 16 -5.07 -26.28 21.50
N ASP A 17 -4.04 -26.68 20.75
CA ASP A 17 -3.23 -25.71 20.01
C ASP A 17 -3.49 -25.73 18.49
N ILE A 18 -3.07 -24.66 17.78
CA ILE A 18 -3.19 -24.59 16.31
C ILE A 18 -1.98 -24.26 15.44
N ILE A 19 -1.82 -25.07 14.39
CA ILE A 19 -0.91 -24.76 13.29
C ILE A 19 -1.62 -24.71 11.94
N ASP A 20 -1.48 -23.59 11.23
CA ASP A 20 -2.22 -23.34 10.00
C ASP A 20 -3.71 -23.62 10.11
N ASP A 21 -4.12 -24.56 9.27
CA ASP A 21 -5.51 -24.97 9.12
C ASP A 21 -5.81 -26.20 9.95
N ASN A 22 -5.00 -26.46 10.96
CA ASN A 22 -5.22 -27.65 11.74
C ASN A 22 -5.57 -27.41 13.21
N PHE A 23 -6.18 -28.41 13.83
CA PHE A 23 -6.33 -28.50 15.28
C PHE A 23 -5.54 -29.64 15.93
N ILE A 24 -4.87 -29.41 17.06
CA ILE A 24 -4.12 -30.50 17.71
C ILE A 24 -4.29 -30.74 19.22
N LEU A 25 -4.88 -31.90 19.54
CA LEU A 25 -5.18 -32.28 20.93
C LEU A 25 -3.96 -32.63 21.79
N ARG A 26 -3.85 -32.01 22.97
CA ARG A 26 -2.84 -32.38 23.96
C ARG A 26 -2.94 -31.55 25.23
N VAL A 37 -9.78 -43.93 22.43
CA VAL A 37 -11.02 -43.23 22.10
C VAL A 37 -11.08 -42.88 20.61
N THR A 38 -12.27 -42.50 20.14
CA THR A 38 -12.37 -41.81 18.86
C THR A 38 -13.24 -40.57 19.03
N PHE A 39 -13.11 -39.63 18.10
CA PHE A 39 -13.54 -38.26 18.39
C PHE A 39 -14.57 -37.62 17.43
N SER A 40 -15.24 -36.56 17.90
CA SER A 40 -16.12 -35.74 17.04
C SER A 40 -15.89 -34.24 17.29
N PHE A 41 -16.37 -33.37 16.39
CA PHE A 41 -16.01 -31.96 16.44
C PHE A 41 -17.11 -30.89 16.32
N ASP A 42 -17.31 -30.14 17.40
CA ASP A 42 -18.22 -28.98 17.38
C ASP A 42 -17.66 -27.67 17.91
N TYR A 43 -18.32 -26.60 17.47
CA TYR A 43 -18.17 -25.25 17.97
C TYR A 43 -19.43 -24.39 18.16
N GLN A 44 -19.38 -23.47 19.12
CA GLN A 44 -20.39 -22.43 19.25
C GLN A 44 -19.75 -21.07 19.52
N LYS A 45 -19.92 -20.14 18.59
CA LYS A 45 -19.29 -18.83 18.71
C LYS A 45 -19.71 -18.16 20.00
N THR A 46 -18.84 -17.33 20.56
CA THR A 46 -19.27 -16.44 21.62
C THR A 46 -20.44 -15.66 21.02
N GLY A 47 -21.56 -15.65 21.73
CA GLY A 47 -22.83 -15.29 21.12
C GLY A 47 -23.55 -16.57 20.72
N MET A 48 -23.11 -17.66 21.35
CA MET A 48 -23.60 -18.99 21.04
C MET A 48 -25.08 -19.20 21.32
N ASP A 49 -25.74 -19.88 20.39
CA ASP A 49 -26.99 -20.56 20.64
C ASP A 49 -26.89 -21.99 20.11
N ASN A 50 -26.80 -22.11 18.79
CA ASN A 50 -26.76 -23.40 18.11
C ASN A 50 -25.42 -24.07 18.31
N TRP A 51 -25.33 -25.29 17.79
CA TRP A 51 -24.08 -26.05 17.74
C TRP A 51 -23.93 -26.77 16.41
N ILE A 52 -22.87 -26.43 15.67
CA ILE A 52 -22.65 -27.01 14.33
C ILE A 52 -21.40 -27.88 14.27
N LYS A 53 -21.41 -28.87 13.40
CA LYS A 53 -20.30 -29.81 13.30
C LYS A 53 -19.47 -29.56 12.05
N LEU A 54 -18.17 -29.37 12.23
CA LEU A 54 -17.26 -29.20 11.11
C LEU A 54 -17.08 -30.53 10.39
N SER A 55 -17.32 -30.54 9.10
CA SER A 55 -17.30 -31.76 8.31
C SER A 55 -15.97 -32.49 8.42
N GLY A 56 -16.06 -33.82 8.38
CA GLY A 56 -14.89 -34.68 8.40
C GLY A 56 -14.23 -34.76 9.75
N CYS A 57 -14.80 -34.14 10.76
CA CYS A 57 -14.17 -34.18 12.07
C CYS A 57 -15.09 -34.85 13.08
N GLN A 58 -15.92 -35.73 12.57
CA GLN A 58 -16.86 -36.46 13.39
C GLN A 58 -16.46 -37.93 13.31
N ASN A 59 -16.39 -38.60 14.45
CA ASN A 59 -15.96 -39.99 14.47
C ASN A 59 -14.60 -40.20 13.78
N ILE A 60 -13.64 -39.32 14.05
CA ILE A 60 -12.31 -39.46 13.47
C ILE A 60 -11.23 -40.07 14.38
N THR A 61 -10.29 -40.77 13.74
CA THR A 61 -9.09 -41.24 14.40
C THR A 61 -8.22 -40.14 15.02
N SER A 62 -7.53 -39.38 14.17
CA SER A 62 -6.40 -38.54 14.59
C SER A 62 -6.74 -37.34 15.47
N THR A 63 -5.73 -36.79 16.13
CA THR A 63 -5.89 -35.65 17.05
C THR A 63 -5.75 -34.29 16.36
N LYS A 64 -5.66 -34.29 15.02
CA LYS A 64 -5.59 -33.04 14.23
C LYS A 64 -6.66 -32.94 13.12
N CYS A 65 -7.56 -31.98 13.25
CA CYS A 65 -8.57 -31.82 12.22
C CYS A 65 -8.32 -30.59 11.40
N ASN A 66 -8.14 -30.82 10.10
CA ASN A 66 -7.99 -29.74 9.14
C ASN A 66 -9.23 -29.09 8.52
N PHE A 67 -9.32 -27.77 8.60
CA PHE A 67 -10.53 -27.09 8.18
C PHE A 67 -10.30 -25.91 7.28
N SER A 68 -10.07 -26.22 6.01
CA SER A 68 -9.88 -25.23 4.98
C SER A 68 -11.18 -25.39 4.20
N SER A 69 -11.96 -24.33 4.12
CA SER A 69 -13.24 -24.40 3.43
C SER A 69 -14.26 -25.10 4.35
N LEU A 70 -13.83 -25.32 5.59
CA LEU A 70 -14.65 -25.96 6.61
C LEU A 70 -15.16 -24.85 7.50
N LYS A 71 -14.24 -23.96 7.88
CA LYS A 71 -14.57 -22.82 8.71
C LYS A 71 -14.31 -21.53 7.96
N LEU A 72 -15.36 -20.73 7.84
CA LEU A 72 -15.29 -19.46 7.13
C LEU A 72 -14.29 -18.34 7.39
N ASN A 73 -14.03 -18.07 8.66
CA ASN A 73 -13.05 -17.10 9.09
C ASN A 73 -12.51 -17.56 10.42
N VAL A 74 -11.24 -17.32 10.70
CA VAL A 74 -10.66 -17.78 11.94
C VAL A 74 -10.50 -16.56 12.82
N TYR A 75 -11.16 -15.47 12.42
CA TYR A 75 -11.08 -14.22 13.16
C TYR A 75 -12.16 -14.03 14.23
N GLU A 76 -13.03 -15.01 14.43
CA GLU A 76 -14.00 -14.86 15.50
C GLU A 76 -13.42 -15.46 16.79
N GLU A 77 -14.11 -15.31 17.90
CA GLU A 77 -13.66 -15.91 19.16
C GLU A 77 -14.68 -16.95 19.55
N ILE A 78 -14.31 -18.20 19.38
CA ILE A 78 -15.27 -19.30 19.38
C ILE A 78 -15.35 -20.01 20.72
N LYS A 79 -16.08 -21.12 20.72
CA LYS A 79 -16.07 -22.09 21.80
C LYS A 79 -16.14 -23.49 21.18
N LEU A 80 -15.35 -24.44 21.66
CA LEU A 80 -15.43 -25.78 21.08
C LEU A 80 -16.00 -26.85 21.98
N ARG A 81 -16.64 -27.83 21.35
CA ARG A 81 -17.03 -29.05 22.02
C ARG A 81 -16.45 -30.34 21.37
N ILE A 82 -15.78 -31.18 22.15
CA ILE A 82 -15.18 -32.42 21.62
C ILE A 82 -15.85 -33.70 22.14
N ARG A 83 -16.31 -34.57 21.25
CA ARG A 83 -16.92 -35.83 21.69
C ARG A 83 -15.94 -36.99 21.58
N ALA A 84 -15.47 -37.45 22.73
CA ALA A 84 -14.48 -38.50 22.79
C ALA A 84 -15.16 -39.78 23.26
N GLU A 85 -15.17 -40.81 22.42
CA GLU A 85 -15.98 -41.98 22.70
C GLU A 85 -15.10 -43.22 22.83
N LYS A 86 -14.96 -43.71 24.06
CA LYS A 86 -14.14 -44.88 24.35
C LYS A 86 -15.05 -46.04 24.76
N GLU A 87 -15.10 -47.07 23.92
CA GLU A 87 -16.08 -48.14 24.07
C GLU A 87 -17.51 -47.60 23.90
N ASN A 88 -18.36 -47.83 24.89
CA ASN A 88 -19.78 -47.48 24.82
C ASN A 88 -20.15 -46.11 25.44
N THR A 89 -19.17 -45.36 25.93
CA THR A 89 -19.44 -44.08 26.60
C THR A 89 -18.67 -42.88 26.00
N SER A 90 -19.37 -41.76 25.83
CA SER A 90 -18.77 -40.58 25.20
C SER A 90 -18.61 -39.38 26.15
N SER A 91 -17.36 -39.04 26.44
CA SER A 91 -17.04 -37.93 27.36
C SER A 91 -17.21 -36.57 26.69
N TRP A 92 -17.39 -35.52 27.50
CA TRP A 92 -17.57 -34.15 27.03
C TRP A 92 -16.37 -33.24 27.34
N TYR A 93 -15.67 -32.80 26.29
CA TYR A 93 -14.57 -31.87 26.46
C TYR A 93 -14.71 -30.45 25.88
N GLU A 94 -15.02 -29.49 26.75
CA GLU A 94 -15.31 -28.14 26.29
C GLU A 94 -13.99 -27.50 25.90
N VAL A 95 -14.04 -26.28 25.37
CA VAL A 95 -12.82 -25.51 25.17
C VAL A 95 -13.02 -24.03 25.48
N ASP A 96 -12.16 -23.47 26.35
CA ASP A 96 -12.29 -22.06 26.73
C ASP A 96 -12.33 -21.19 25.47
N SER A 97 -13.33 -20.32 25.36
CA SER A 97 -13.52 -19.56 24.14
C SER A 97 -12.24 -18.81 23.79
N PHE A 98 -11.71 -19.09 22.61
CA PHE A 98 -10.47 -18.46 22.18
C PHE A 98 -10.71 -17.81 20.85
N THR A 99 -9.69 -17.14 20.35
CA THR A 99 -9.72 -16.71 18.97
C THR A 99 -8.69 -17.52 18.23
N PRO A 100 -9.11 -18.19 17.16
CA PRO A 100 -8.25 -19.12 16.42
C PRO A 100 -6.93 -18.43 16.06
N PHE A 101 -7.10 -17.28 15.44
CA PHE A 101 -6.01 -16.46 14.96
C PHE A 101 -5.04 -16.19 16.09
N ARG A 102 -5.53 -15.73 17.25
CA ARG A 102 -4.60 -15.44 18.33
C ARG A 102 -3.79 -16.65 18.71
N LYS A 103 -4.40 -17.84 18.59
CA LYS A 103 -3.70 -19.06 19.00
C LYS A 103 -2.84 -19.68 17.88
N ALA A 104 -3.24 -19.44 16.64
CA ALA A 104 -2.61 -20.09 15.49
C ALA A 104 -1.10 -19.86 15.47
N GLN A 105 -0.36 -20.91 15.17
CA GLN A 105 1.07 -20.78 14.93
C GLN A 105 1.35 -21.08 13.48
N ILE A 106 2.33 -20.38 12.90
CA ILE A 106 2.67 -20.54 11.48
C ILE A 106 3.22 -21.91 11.19
N GLY A 107 2.69 -22.56 10.17
CA GLY A 107 3.12 -23.89 9.84
C GLY A 107 4.52 -23.78 9.25
N PRO A 108 5.19 -24.93 9.13
CA PRO A 108 6.54 -24.99 8.58
C PRO A 108 6.54 -24.52 7.16
N PRO A 109 7.47 -23.63 6.80
CA PRO A 109 7.42 -23.21 5.41
C PRO A 109 8.03 -24.28 4.50
N GLU A 110 7.72 -24.09 3.24
CA GLU A 110 8.18 -24.87 2.10
C GLU A 110 9.48 -24.32 1.58
N VAL A 111 10.44 -25.18 1.28
CA VAL A 111 11.77 -24.70 0.91
C VAL A 111 12.21 -25.35 -0.40
N HIS A 112 12.75 -24.54 -1.31
CA HIS A 112 13.25 -25.00 -2.59
C HIS A 112 14.60 -24.34 -2.91
N LEU A 113 15.57 -25.17 -3.29
CA LEU A 113 16.96 -24.75 -3.47
C LEU A 113 17.48 -24.90 -4.90
N GLU A 114 18.34 -23.96 -5.29
CA GLU A 114 19.12 -24.07 -6.53
C GLU A 114 20.59 -23.71 -6.29
N ALA A 115 21.45 -24.67 -6.61
CA ALA A 115 22.89 -24.69 -6.31
C ALA A 115 23.88 -23.96 -7.24
N GLU A 116 24.90 -23.33 -6.64
CA GLU A 116 26.04 -22.83 -7.41
C GLU A 116 27.47 -23.07 -6.89
N ASP A 117 28.44 -22.73 -7.74
CA ASP A 117 29.83 -22.74 -7.33
C ASP A 117 29.91 -22.07 -5.96
N LYS A 118 29.76 -20.75 -5.91
CA LYS A 118 29.94 -20.03 -4.64
C LYS A 118 28.67 -19.68 -3.85
N ALA A 119 27.50 -20.08 -4.34
CA ALA A 119 26.24 -19.53 -3.82
C ALA A 119 25.00 -20.44 -3.88
N ILE A 120 24.01 -20.17 -3.01
CA ILE A 120 22.70 -20.88 -3.06
C ILE A 120 21.44 -19.97 -3.10
N VAL A 121 20.46 -20.43 -3.89
CA VAL A 121 19.14 -19.78 -4.02
C VAL A 121 17.97 -20.49 -3.37
N ILE A 122 17.22 -19.70 -2.63
CA ILE A 122 16.06 -20.07 -1.83
C ILE A 122 14.67 -19.59 -2.29
N HIS A 123 13.78 -20.51 -2.64
CA HIS A 123 12.42 -20.13 -2.97
C HIS A 123 11.55 -20.68 -1.84
N ILE A 124 10.74 -19.85 -1.19
CA ILE A 124 9.98 -20.27 0.01
C ILE A 124 8.47 -19.95 0.03
N SER A 125 7.64 -20.89 0.49
CA SER A 125 6.22 -20.57 0.67
C SER A 125 5.63 -21.32 1.86
N PRO A 126 4.54 -20.79 2.41
CA PRO A 126 3.89 -21.35 3.60
C PRO A 126 3.56 -22.81 3.40
N GLY A 127 3.71 -23.65 4.40
CA GLY A 127 3.32 -25.02 4.17
C GLY A 127 1.84 -24.83 4.32
N THR A 128 1.02 -25.71 3.76
CA THR A 128 -0.41 -25.46 3.71
C THR A 128 -0.72 -24.22 2.86
N LYS A 129 -0.18 -24.19 1.64
CA LYS A 129 -0.37 -23.09 0.70
C LYS A 129 -1.85 -22.88 0.36
N ASP A 130 -2.33 -21.64 0.48
CA ASP A 130 -3.76 -21.35 0.29
C ASP A 130 -4.58 -21.53 1.57
N SER A 131 -3.83 -21.71 2.66
CA SER A 131 -4.33 -21.76 4.03
C SER A 131 -5.39 -20.71 4.31
N VAL A 132 -6.45 -21.13 5.01
CA VAL A 132 -7.60 -20.28 5.24
C VAL A 132 -7.25 -19.35 6.39
N MET A 133 -6.56 -19.92 7.36
CA MET A 133 -5.94 -19.17 8.44
C MET A 133 -5.18 -17.98 7.87
N TRP A 134 -4.15 -18.27 7.08
CA TRP A 134 -3.31 -17.19 6.57
C TRP A 134 -4.04 -16.19 5.72
N ALA A 135 -4.86 -16.65 4.79
CA ALA A 135 -5.58 -15.70 3.99
C ALA A 135 -4.53 -14.73 3.47
N LEU A 136 -4.82 -13.45 3.67
CA LEU A 136 -3.94 -12.36 3.27
C LEU A 136 -2.57 -12.27 3.96
N ASP A 137 -2.50 -12.54 5.28
CA ASP A 137 -1.23 -12.40 5.97
C ASP A 137 -0.01 -13.01 5.27
N GLY A 138 -0.23 -13.94 4.35
CA GLY A 138 0.89 -14.59 3.67
C GLY A 138 1.87 -13.76 2.84
N LEU A 139 1.43 -12.75 2.09
CA LEU A 139 2.39 -12.00 1.30
C LEU A 139 3.32 -11.22 2.22
N SER A 140 2.95 -11.19 3.49
CA SER A 140 3.67 -10.43 4.50
C SER A 140 4.68 -11.22 5.35
N PHE A 141 4.98 -12.47 4.99
CA PHE A 141 5.93 -13.20 5.83
C PHE A 141 7.35 -12.76 5.75
N THR A 142 7.91 -12.68 6.94
CA THR A 142 9.33 -12.57 7.12
C THR A 142 9.77 -13.99 7.45
N TYR A 143 10.87 -14.44 6.88
CA TYR A 143 11.41 -15.76 7.16
C TYR A 143 12.72 -15.54 7.87
N SER A 144 13.14 -16.51 8.66
CA SER A 144 14.43 -16.42 9.30
C SER A 144 14.94 -17.86 9.34
N LEU A 145 16.24 -18.02 9.11
CA LEU A 145 16.88 -19.33 9.12
C LEU A 145 18.29 -19.42 9.69
N VAL A 146 18.72 -20.67 9.82
CA VAL A 146 20.05 -21.02 10.26
C VAL A 146 20.59 -22.05 9.28
N ILE A 147 21.78 -21.78 8.77
CA ILE A 147 22.46 -22.60 7.79
C ILE A 147 23.88 -22.90 8.23
N TRP A 148 24.42 -24.01 7.77
CA TRP A 148 25.79 -24.36 8.14
C TRP A 148 26.41 -25.33 7.17
N LYS A 149 27.74 -25.48 7.23
CA LYS A 149 28.42 -26.48 6.42
C LYS A 149 28.01 -27.88 6.91
N ASN A 150 28.03 -28.89 6.03
CA ASN A 150 27.58 -30.24 6.40
C ASN A 150 28.38 -30.89 7.54
N SER A 151 29.70 -30.84 7.44
CA SER A 151 30.56 -31.41 8.47
C SER A 151 31.01 -30.40 9.53
N SER A 152 31.33 -29.19 9.09
CA SER A 152 31.79 -28.15 10.00
C SER A 152 30.72 -27.77 11.01
N GLY A 153 29.48 -27.70 10.53
CA GLY A 153 28.34 -27.34 11.34
C GLY A 153 28.47 -25.91 11.83
N VAL A 154 29.30 -25.09 11.17
CA VAL A 154 29.27 -23.68 11.50
C VAL A 154 27.95 -23.09 11.03
N GLU A 155 27.14 -22.71 12.01
CA GLU A 155 25.82 -22.19 11.70
C GLU A 155 25.80 -20.66 11.57
N GLU A 156 25.64 -20.09 10.36
CA GLU A 156 25.41 -18.66 10.31
C GLU A 156 23.90 -18.45 10.41
N ARG A 157 23.44 -17.80 11.47
CA ARG A 157 22.01 -17.55 11.67
C ARG A 157 21.58 -16.33 10.87
N ILE A 158 20.47 -16.45 10.12
CA ILE A 158 20.02 -15.32 9.31
C ILE A 158 18.50 -15.08 9.43
N GLU A 159 18.16 -14.05 10.20
CA GLU A 159 16.76 -13.68 10.46
C GLU A 159 16.27 -12.65 9.48
N ASN A 160 14.96 -12.41 9.38
CA ASN A 160 14.47 -11.37 8.48
C ASN A 160 14.73 -11.51 6.98
N ILE A 161 14.53 -12.70 6.42
CA ILE A 161 14.72 -12.83 4.99
C ILE A 161 13.37 -12.66 4.33
N TYR A 162 13.36 -12.67 3.01
CA TYR A 162 12.15 -12.42 2.25
C TYR A 162 11.81 -13.69 1.52
N SER A 163 10.56 -13.80 1.09
CA SER A 163 10.12 -15.08 0.58
C SER A 163 11.07 -15.87 -0.34
N ARG A 164 11.80 -15.20 -1.22
CA ARG A 164 12.84 -15.90 -1.99
C ARG A 164 14.12 -15.10 -1.94
N HIS A 165 15.26 -15.77 -1.87
CA HIS A 165 16.47 -15.09 -1.43
C HIS A 165 17.67 -15.92 -1.88
N LYS A 166 18.83 -15.26 -2.03
CA LYS A 166 20.09 -15.88 -2.47
C LYS A 166 21.28 -15.70 -1.51
N ILE A 167 22.02 -16.76 -1.24
CA ILE A 167 23.16 -16.71 -0.32
C ILE A 167 24.53 -16.88 -1.02
N TYR A 168 25.41 -15.91 -0.82
CA TYR A 168 26.73 -15.89 -1.46
C TYR A 168 27.89 -16.26 -0.55
N LYS A 169 29.10 -16.10 -1.08
CA LYS A 169 30.33 -16.35 -0.33
C LYS A 169 30.42 -17.77 0.20
N LEU A 170 30.28 -18.75 -0.69
CA LEU A 170 30.41 -20.14 -0.27
C LEU A 170 31.49 -20.86 -1.09
N SER A 171 31.92 -22.03 -0.62
CA SER A 171 32.92 -22.83 -1.33
C SER A 171 32.24 -23.89 -2.19
N PRO A 172 32.78 -24.17 -3.38
CA PRO A 172 32.22 -25.21 -4.25
C PRO A 172 32.28 -26.65 -3.73
N GLU A 173 31.61 -27.54 -4.47
CA GLU A 173 31.53 -28.95 -4.15
C GLU A 173 31.29 -29.20 -2.67
N THR A 174 30.59 -28.27 -2.03
CA THR A 174 30.37 -28.30 -0.58
C THR A 174 28.89 -28.40 -0.18
N THR A 175 28.60 -29.34 0.71
CA THR A 175 27.25 -29.58 1.20
C THR A 175 26.90 -28.67 2.36
N TYR A 176 25.88 -27.85 2.17
CA TYR A 176 25.34 -27.01 3.23
C TYR A 176 24.00 -27.55 3.65
N CYS A 177 23.63 -27.32 4.90
CA CYS A 177 22.34 -27.79 5.39
C CYS A 177 21.61 -26.60 5.97
N LEU A 178 20.30 -26.74 6.19
CA LEU A 178 19.52 -25.66 6.79
C LEU A 178 18.07 -25.99 7.08
N LYS A 179 17.47 -25.19 7.94
CA LYS A 179 16.06 -25.32 8.25
C LYS A 179 15.55 -23.90 8.33
N VAL A 180 14.28 -23.71 8.04
CA VAL A 180 13.71 -22.38 7.89
C VAL A 180 12.50 -22.32 8.76
N LYS A 181 12.25 -21.18 9.38
CA LYS A 181 11.00 -21.09 10.09
C LYS A 181 10.43 -19.82 9.55
N ALA A 182 9.11 -19.72 9.58
CA ALA A 182 8.49 -18.51 9.15
C ALA A 182 8.16 -17.66 10.33
N ALA A 183 7.92 -16.40 10.05
CA ALA A 183 7.63 -15.43 11.08
C ALA A 183 6.76 -14.35 10.48
N LEU A 184 6.03 -13.64 11.33
CA LEU A 184 5.27 -12.49 10.89
C LEU A 184 5.52 -11.33 11.79
N LEU A 185 6.26 -10.37 11.29
CA LEU A 185 6.66 -9.28 12.13
C LEU A 185 5.34 -8.70 12.69
N THR A 186 4.21 -9.05 12.03
CA THR A 186 2.91 -8.40 12.21
C THR A 186 2.19 -8.68 13.55
N SER A 187 1.70 -9.89 13.72
CA SER A 187 1.30 -10.36 15.04
C SER A 187 2.56 -10.94 15.64
N TRP A 188 2.73 -10.83 16.94
CA TRP A 188 3.99 -11.25 17.55
C TRP A 188 4.29 -12.65 17.07
N LYS A 189 3.25 -13.30 16.52
CA LYS A 189 3.27 -14.70 16.11
C LYS A 189 4.46 -15.12 15.23
N ILE A 190 5.07 -16.25 15.57
CA ILE A 190 6.24 -16.78 14.86
C ILE A 190 6.11 -18.31 14.73
N GLY A 191 6.71 -18.90 13.69
CA GLY A 191 6.38 -20.25 13.27
C GLY A 191 7.31 -21.42 13.54
N VAL A 192 6.85 -22.62 13.18
CA VAL A 192 7.60 -23.87 13.33
C VAL A 192 8.58 -24.00 12.19
N TYR A 193 9.68 -24.73 12.44
CA TYR A 193 10.73 -24.91 11.44
C TYR A 193 10.45 -25.97 10.39
N SER A 194 10.79 -25.67 9.16
CA SER A 194 10.83 -26.69 8.12
C SER A 194 11.76 -27.81 8.53
N PRO A 195 11.65 -28.97 7.88
CA PRO A 195 12.67 -30.02 7.92
C PRO A 195 14.00 -29.44 7.47
N VAL A 196 15.11 -30.06 7.83
CA VAL A 196 16.41 -29.60 7.36
C VAL A 196 16.61 -30.06 5.92
N HIS A 197 17.14 -29.19 5.06
CA HIS A 197 17.46 -29.60 3.71
C HIS A 197 18.90 -29.31 3.32
N CYS A 198 19.51 -30.23 2.56
CA CYS A 198 20.91 -30.06 2.22
C CYS A 198 21.13 -30.16 0.71
N ILE A 199 22.14 -29.45 0.23
CA ILE A 199 22.61 -29.55 -1.15
C ILE A 199 24.12 -29.29 -1.19
N LYS A 200 24.80 -29.80 -2.23
CA LYS A 200 26.23 -29.54 -2.41
C LYS A 200 26.53 -28.65 -3.60
N THR A 201 27.05 -27.46 -3.32
CA THR A 201 27.30 -26.45 -4.33
C THR A 201 28.11 -27.11 -5.43
N THR A 202 27.94 -26.64 -6.66
CA THR A 202 28.58 -27.26 -7.81
C THR A 202 30.03 -26.92 -7.78
N VAL A 203 30.75 -27.45 -8.75
CA VAL A 203 32.14 -27.12 -8.91
C VAL A 203 32.25 -25.65 -9.30
N GLU A 204 33.32 -24.99 -8.85
CA GLU A 204 33.53 -23.56 -9.10
C GLU A 204 33.27 -23.16 -10.55
N ASN A 205 32.59 -22.01 -10.70
CA ASN A 205 32.30 -21.43 -12.00
C ASN A 205 33.59 -21.08 -12.74
N GLU A 206 33.73 -21.57 -13.97
CA GLU A 206 34.93 -21.35 -14.75
C GLU A 206 35.14 -19.87 -14.98
N LEU A 207 34.15 -19.22 -15.58
CA LEU A 207 34.14 -17.78 -15.63
C LEU A 207 33.53 -17.33 -14.32
N PRO A 208 34.31 -16.59 -13.51
CA PRO A 208 33.74 -16.05 -12.29
C PRO A 208 32.82 -14.90 -12.65
N PRO A 209 32.02 -14.41 -11.70
CA PRO A 209 31.10 -13.30 -11.92
C PRO A 209 31.69 -11.91 -12.02
N PRO A 210 31.02 -11.01 -12.76
CA PRO A 210 31.41 -9.60 -12.68
C PRO A 210 31.24 -9.31 -11.19
N GLU A 211 31.97 -8.38 -10.57
CA GLU A 211 31.87 -8.26 -9.11
C GLU A 211 31.30 -7.04 -8.38
N ASN A 212 31.99 -5.91 -8.44
CA ASN A 212 31.46 -4.68 -7.84
C ASN A 212 30.73 -3.79 -8.83
N ILE A 213 29.42 -3.70 -8.61
CA ILE A 213 28.51 -3.01 -9.50
C ILE A 213 28.18 -1.62 -8.95
N GLU A 214 28.32 -0.60 -9.80
CA GLU A 214 27.91 0.76 -9.40
C GLU A 214 27.25 1.49 -10.57
N VAL A 215 26.19 2.21 -10.23
CA VAL A 215 25.43 3.04 -11.16
C VAL A 215 25.49 4.57 -11.03
N SER A 216 25.51 5.27 -12.17
CA SER A 216 25.48 6.73 -12.13
C SER A 216 24.72 7.32 -13.34
N VAL A 217 24.44 8.62 -13.24
CA VAL A 217 23.78 9.39 -14.31
C VAL A 217 24.71 10.47 -14.87
N GLN A 218 24.57 10.72 -16.16
CA GLN A 218 25.34 11.74 -16.85
C GLN A 218 24.35 12.39 -17.80
N ASN A 219 24.21 13.71 -17.71
CA ASN A 219 23.15 14.37 -18.47
C ASN A 219 21.84 13.69 -18.14
N GLN A 220 21.14 13.17 -19.14
CA GLN A 220 19.86 12.50 -18.89
C GLN A 220 19.97 10.97 -18.86
N ASN A 221 20.91 10.42 -19.63
CA ASN A 221 21.05 8.96 -19.75
C ASN A 221 21.75 8.31 -18.55
N TYR A 222 21.91 6.99 -18.63
CA TYR A 222 22.30 6.21 -17.46
C TYR A 222 23.47 5.31 -17.83
N VAL A 223 24.38 5.08 -16.88
CA VAL A 223 25.47 4.14 -17.11
C VAL A 223 25.98 3.45 -15.85
N LEU A 224 26.35 2.18 -16.01
CA LEU A 224 26.92 1.35 -14.93
C LEU A 224 28.10 0.50 -15.43
N LYS A 225 29.02 0.18 -14.53
CA LYS A 225 30.21 -0.58 -14.90
C LYS A 225 30.56 -1.64 -13.85
N TRP A 226 31.17 -2.73 -14.31
CA TRP A 226 31.53 -3.82 -13.40
C TRP A 226 32.96 -4.25 -13.69
N ASP A 227 33.52 -5.07 -12.81
CA ASP A 227 34.82 -5.67 -13.03
C ASP A 227 34.69 -7.13 -13.43
N TYR A 228 34.89 -7.42 -14.71
CA TYR A 228 35.07 -8.80 -15.13
C TYR A 228 36.55 -8.82 -15.27
N THR A 229 37.19 -9.87 -14.79
CA THR A 229 38.63 -9.84 -14.70
C THR A 229 39.30 -10.43 -15.95
N TYR A 230 38.48 -10.88 -16.90
CA TYR A 230 38.99 -11.48 -18.13
C TYR A 230 38.70 -10.56 -19.31
N ALA A 231 39.57 -10.58 -20.31
CA ALA A 231 39.35 -9.83 -21.55
C ALA A 231 38.52 -10.64 -22.54
N ASN A 232 37.75 -9.93 -23.36
CA ASN A 232 36.86 -10.52 -24.36
C ASN A 232 35.66 -11.30 -23.82
N MET A 233 34.96 -10.71 -22.86
CA MET A 233 33.70 -11.27 -22.38
C MET A 233 32.53 -10.38 -22.81
N THR A 234 31.36 -10.98 -23.06
CA THR A 234 30.16 -10.17 -23.22
C THR A 234 29.31 -10.27 -21.95
N PHE A 235 28.31 -9.40 -21.81
CA PHE A 235 27.57 -9.36 -20.55
C PHE A 235 26.06 -9.12 -20.75
N GLN A 236 25.22 -10.09 -20.39
CA GLN A 236 23.78 -9.90 -20.55
C GLN A 236 23.20 -9.36 -19.27
N VAL A 237 22.75 -8.10 -19.29
CA VAL A 237 22.33 -7.45 -18.05
C VAL A 237 20.81 -7.50 -17.85
N GLN A 238 20.40 -7.84 -16.62
CA GLN A 238 19.00 -7.95 -16.22
C GLN A 238 18.60 -7.10 -15.01
N TRP A 239 17.31 -6.76 -14.94
CA TRP A 239 16.74 -5.96 -13.86
C TRP A 239 15.47 -6.60 -13.31
N LEU A 240 15.12 -6.24 -12.08
CA LEU A 240 13.91 -6.76 -11.46
C LEU A 240 13.32 -5.65 -10.58
N HIS A 241 12.00 -5.63 -10.49
CA HIS A 241 11.35 -4.69 -9.60
C HIS A 241 11.82 -5.14 -8.24
N ALA A 242 12.15 -4.19 -7.38
CA ALA A 242 12.69 -4.56 -6.08
C ALA A 242 11.67 -5.25 -5.19
N PHE A 243 10.43 -4.81 -5.27
CA PHE A 243 9.41 -5.31 -4.36
C PHE A 243 9.00 -6.77 -4.61
N LEU A 244 9.30 -7.30 -5.80
CA LEU A 244 8.87 -8.64 -6.20
C LEU A 244 9.64 -9.75 -5.52
N LYS A 245 10.65 -9.40 -4.73
CA LYS A 245 11.38 -10.44 -4.04
C LYS A 245 10.57 -10.94 -2.83
N ARG A 246 9.55 -10.17 -2.44
CA ARG A 246 8.72 -10.53 -1.31
C ARG A 246 7.49 -11.35 -1.72
N ASN A 247 7.37 -11.63 -3.02
CA ASN A 247 6.19 -12.29 -3.58
C ASN A 247 6.54 -13.65 -4.13
N PRO A 248 6.61 -14.66 -3.24
CA PRO A 248 7.16 -15.98 -3.55
C PRO A 248 6.42 -16.80 -4.61
N GLY A 249 5.09 -16.77 -4.62
CA GLY A 249 4.32 -17.57 -5.55
C GLY A 249 4.35 -17.10 -7.00
N ASN A 250 4.23 -18.05 -7.94
CA ASN A 250 4.23 -17.72 -9.36
C ASN A 250 5.39 -16.81 -9.75
N TYR A 253 6.99 -14.00 -11.87
CA TYR A 253 8.35 -13.56 -11.52
C TYR A 253 9.31 -13.66 -12.69
N LYS A 254 9.56 -12.54 -13.37
CA LYS A 254 10.57 -12.58 -14.42
C LYS A 254 11.50 -11.36 -14.44
N TRP A 255 12.80 -11.65 -14.29
CA TRP A 255 13.85 -10.70 -14.59
C TRP A 255 13.77 -10.28 -16.03
N LYS A 256 13.65 -8.99 -16.28
CA LYS A 256 13.68 -8.52 -17.66
C LYS A 256 15.09 -8.02 -17.95
N GLN A 257 15.55 -8.23 -19.18
CA GLN A 257 16.90 -7.85 -19.62
C GLN A 257 16.95 -6.40 -20.08
N ILE A 258 18.07 -5.72 -19.86
CA ILE A 258 18.19 -4.35 -20.34
C ILE A 258 18.79 -4.35 -21.73
N PRO A 259 17.96 -3.98 -22.71
CA PRO A 259 18.23 -4.08 -24.15
C PRO A 259 19.48 -3.41 -24.75
N ASP A 260 19.76 -2.15 -24.44
CA ASP A 260 21.00 -1.51 -24.91
C ASP A 260 22.21 -2.29 -24.49
N CYS A 261 22.02 -3.04 -23.42
CA CYS A 261 23.07 -3.77 -22.73
C CYS A 261 23.11 -5.22 -23.11
N GLU A 262 22.20 -5.65 -23.97
CA GLU A 262 22.12 -7.06 -24.23
C GLU A 262 23.36 -7.46 -25.01
N ASN A 263 24.15 -8.33 -24.40
CA ASN A 263 25.36 -8.82 -25.05
C ASN A 263 26.45 -7.79 -25.47
N VAL A 264 26.59 -6.75 -24.66
CA VAL A 264 27.64 -5.73 -24.84
C VAL A 264 29.05 -6.28 -24.80
N LYS A 265 29.95 -5.58 -25.48
CA LYS A 265 31.32 -6.02 -25.73
C LYS A 265 32.30 -5.45 -24.72
N THR A 266 31.80 -4.62 -23.80
CA THR A 266 32.68 -3.91 -22.88
C THR A 266 32.16 -3.97 -21.44
N THR A 267 32.94 -3.43 -20.50
CA THR A 267 32.66 -3.49 -19.05
C THR A 267 31.75 -2.39 -18.53
N GLN A 268 31.15 -1.62 -19.43
CA GLN A 268 29.97 -0.84 -19.09
C GLN A 268 28.99 -0.80 -20.27
N CYS A 269 27.75 -0.40 -20.02
CA CYS A 269 26.81 -0.06 -21.09
C CYS A 269 25.84 1.01 -20.62
N VAL A 270 25.31 1.80 -21.56
CA VAL A 270 24.41 2.91 -21.22
C VAL A 270 23.03 2.87 -21.83
N PHE A 271 22.17 3.71 -21.28
CA PHE A 271 20.77 3.81 -21.66
C PHE A 271 20.12 4.95 -20.87
N PRO A 272 19.21 5.70 -21.53
CA PRO A 272 18.57 6.97 -21.11
C PRO A 272 17.63 6.92 -19.88
N GLN A 273 17.31 8.11 -19.36
CA GLN A 273 16.46 8.29 -18.18
C GLN A 273 15.12 7.57 -18.28
N ASN A 274 14.42 7.80 -19.38
CA ASN A 274 13.06 7.35 -19.57
C ASN A 274 12.89 5.82 -19.55
N VAL A 275 14.00 5.10 -19.47
CA VAL A 275 14.01 3.62 -19.49
C VAL A 275 13.34 2.98 -18.27
N PHE A 276 13.61 3.55 -17.11
CA PHE A 276 12.90 3.18 -15.90
C PHE A 276 11.96 4.29 -15.47
N GLN A 277 10.68 3.96 -15.32
CA GLN A 277 9.74 4.88 -14.71
C GLN A 277 10.22 5.04 -13.28
N LYS A 278 9.79 6.09 -12.59
CA LYS A 278 10.21 6.23 -11.22
C LYS A 278 9.71 5.04 -10.44
N GLY A 279 10.55 4.59 -9.52
CA GLY A 279 10.27 3.41 -8.72
C GLY A 279 11.56 2.78 -8.25
N ILE A 280 11.47 1.57 -7.70
CA ILE A 280 12.60 0.88 -7.08
C ILE A 280 12.91 -0.48 -7.73
N TYR A 281 14.13 -0.63 -8.26
CA TYR A 281 14.48 -1.85 -8.98
C TYR A 281 15.70 -2.64 -8.41
N LEU A 282 15.87 -3.88 -8.87
CA LEU A 282 17.05 -4.73 -8.63
C LEU A 282 17.86 -5.03 -9.88
N LEU A 283 19.18 -5.03 -9.75
CA LEU A 283 20.07 -5.37 -10.86
C LEU A 283 21.04 -6.55 -10.69
N ARG A 284 21.36 -7.21 -11.80
CA ARG A 284 22.38 -8.27 -11.88
C ARG A 284 23.10 -8.37 -13.24
N VAL A 285 24.32 -8.89 -13.25
CA VAL A 285 25.16 -8.92 -14.46
C VAL A 285 25.83 -10.27 -14.70
N GLN A 286 25.96 -10.67 -15.97
CA GLN A 286 26.53 -11.98 -16.27
C GLN A 286 27.65 -11.92 -17.32
N ALA A 287 28.67 -12.76 -17.14
CA ALA A 287 29.79 -12.86 -18.08
C ALA A 287 29.68 -14.14 -18.91
N SER A 288 29.97 -14.09 -20.21
CA SER A 288 29.98 -15.32 -21.00
C SER A 288 30.98 -15.25 -22.15
N ASP A 289 31.67 -16.35 -22.41
CA ASP A 289 32.57 -16.41 -23.55
C ASP A 289 31.86 -17.02 -24.77
N GLY A 290 30.55 -17.21 -24.65
CA GLY A 290 29.78 -17.82 -25.71
C GLY A 290 29.67 -19.34 -25.68
N ASN A 291 30.44 -19.97 -24.81
CA ASN A 291 30.38 -21.43 -24.66
C ASN A 291 29.95 -21.81 -23.25
N ASN A 292 30.85 -21.63 -22.31
CA ASN A 292 30.49 -21.68 -20.92
C ASN A 292 30.23 -20.25 -20.49
N THR A 293 29.00 -19.94 -20.10
CA THR A 293 28.70 -18.61 -19.59
C THR A 293 29.13 -18.60 -18.14
N SER A 294 28.98 -17.46 -17.46
CA SER A 294 29.28 -17.42 -16.03
C SER A 294 27.98 -17.41 -15.23
N PHE A 295 28.13 -17.63 -13.93
CA PHE A 295 27.03 -17.31 -13.01
C PHE A 295 26.84 -15.81 -12.89
N TRP A 296 25.70 -15.39 -12.36
CA TRP A 296 25.34 -13.99 -12.12
C TRP A 296 26.17 -13.21 -11.08
N SER A 297 26.37 -11.91 -11.27
CA SER A 297 26.93 -11.02 -10.23
C SER A 297 26.02 -10.94 -9.03
N GLU A 298 26.48 -10.33 -7.94
CA GLU A 298 25.63 -10.03 -6.77
C GLU A 298 24.66 -8.90 -7.14
N GLU A 299 23.58 -8.70 -6.38
CA GLU A 299 22.57 -7.73 -6.81
C GLU A 299 22.61 -6.38 -6.07
N ILE A 300 21.79 -5.46 -6.55
CA ILE A 300 21.83 -4.06 -6.16
C ILE A 300 20.49 -3.39 -6.36
N LYS A 301 20.20 -2.34 -5.61
CA LYS A 301 18.96 -1.60 -5.80
C LYS A 301 19.18 -0.09 -5.81
N PHE A 302 18.24 0.64 -6.43
CA PHE A 302 18.32 2.09 -6.49
C PHE A 302 16.94 2.72 -6.57
N ASP A 303 16.85 3.99 -6.19
CA ASP A 303 15.58 4.71 -6.04
C ASP A 303 14.92 5.14 -7.35
N THR A 304 15.74 5.30 -8.39
CA THR A 304 15.32 5.96 -9.61
C THR A 304 15.05 7.41 -9.28
N GLU A 305 15.65 7.86 -8.18
CA GLU A 305 15.68 9.28 -7.87
C GLU A 305 17.02 9.72 -7.28
N ILE A 306 17.62 10.70 -7.96
CA ILE A 306 18.87 11.31 -7.51
C ILE A 306 18.94 12.74 -8.06
N GLN A 307 19.59 13.62 -7.31
CA GLN A 307 19.83 15.01 -7.72
C GLN A 307 20.21 15.89 -6.53
N SER B 9 3.92 10.16 4.70
CA SER B 9 4.55 11.44 4.41
C SER B 9 4.30 11.82 2.96
N LEU B 10 5.36 11.81 2.15
CA LEU B 10 5.23 11.83 0.70
C LEU B 10 4.60 10.55 0.15
N GLY B 11 4.75 9.45 0.87
CA GLY B 11 4.14 8.21 0.41
C GLY B 11 2.62 8.18 0.36
N SER B 12 1.96 8.77 1.35
CA SER B 12 0.50 8.85 1.35
C SER B 12 -0.04 9.70 0.22
N ARG B 13 0.48 10.91 0.08
CA ARG B 13 0.02 11.76 -1.01
C ARG B 13 0.20 11.05 -2.35
N ARG B 14 1.40 10.52 -2.58
CA ARG B 14 1.75 9.85 -3.82
C ARG B 14 1.12 8.48 -3.97
N THR B 15 0.64 7.90 -2.87
CA THR B 15 -0.09 6.64 -2.89
C THR B 15 -1.56 6.80 -3.26
N LEU B 16 -2.21 7.76 -2.63
CA LEU B 16 -3.59 7.98 -2.93
C LEU B 16 -3.80 8.38 -4.39
N MET B 17 -2.92 9.23 -4.89
CA MET B 17 -3.00 9.58 -6.29
C MET B 17 -3.02 8.33 -7.19
N LEU B 18 -2.25 7.33 -6.83
CA LEU B 18 -2.20 6.13 -7.65
C LEU B 18 -3.51 5.40 -7.58
N LEU B 19 -4.04 5.27 -6.37
CA LEU B 19 -5.36 4.70 -6.19
C LEU B 19 -6.39 5.48 -6.96
N ALA B 20 -6.27 6.80 -6.85
CA ALA B 20 -7.14 7.68 -7.58
C ALA B 20 -7.02 7.44 -9.08
N GLN B 21 -5.79 7.29 -9.57
CA GLN B 21 -5.65 7.15 -11.02
C GLN B 21 -6.19 5.81 -11.51
N MET B 22 -6.22 4.80 -10.64
CA MET B 22 -6.51 3.45 -11.08
C MET B 22 -7.94 3.27 -11.56
N ARG B 23 -8.79 4.27 -11.32
CA ARG B 23 -10.24 4.10 -11.54
C ARG B 23 -10.55 3.69 -12.97
N ARG B 24 -11.29 2.60 -13.13
CA ARG B 24 -11.65 2.14 -14.47
C ARG B 24 -13.04 2.60 -14.99
N ILE B 25 -13.91 3.10 -14.11
CA ILE B 25 -15.30 3.41 -14.48
C ILE B 25 -15.99 4.47 -13.62
N SER B 26 -17.14 4.95 -14.08
CA SER B 26 -17.92 5.96 -13.34
C SER B 26 -18.35 5.48 -11.97
N LEU B 27 -18.17 6.30 -10.95
CA LEU B 27 -18.63 5.93 -9.62
C LEU B 27 -20.13 5.99 -9.58
N PHE B 28 -20.70 6.90 -10.37
CA PHE B 28 -22.14 6.95 -10.39
C PHE B 28 -22.81 5.64 -10.78
N SER B 29 -22.20 4.88 -11.68
CA SER B 29 -22.84 3.66 -12.13
C SER B 29 -22.67 2.51 -11.16
N CYS B 30 -21.92 2.75 -10.10
CA CYS B 30 -21.60 1.70 -9.12
C CYS B 30 -22.24 1.93 -7.77
N LEU B 31 -23.04 2.98 -7.70
CA LEU B 31 -23.62 3.40 -6.44
C LEU B 31 -24.41 2.27 -5.81
N LYS B 32 -25.06 1.45 -6.66
CA LYS B 32 -25.93 0.37 -6.21
C LYS B 32 -25.22 -0.59 -5.28
N ASP B 33 -23.96 -0.84 -5.60
CA ASP B 33 -23.14 -1.85 -4.96
C ASP B 33 -22.43 -1.33 -3.70
N ARG B 34 -22.67 -0.09 -3.33
CA ARG B 34 -22.02 0.49 -2.17
C ARG B 34 -22.44 -0.29 -0.95
N HIS B 35 -21.61 -0.28 0.08
CA HIS B 35 -21.85 -1.08 1.26
C HIS B 35 -21.01 -0.54 2.39
N ASP B 36 -21.56 -0.42 3.59
CA ASP B 36 -20.75 -0.01 4.74
C ASP B 36 -19.88 -1.11 5.37
N PHE B 37 -18.54 -0.97 5.27
CA PHE B 37 -17.62 -1.97 5.80
C PHE B 37 -17.23 -1.77 7.27
N GLY B 38 -17.68 -0.66 7.86
CA GLY B 38 -17.36 -0.34 9.24
C GLY B 38 -15.89 -0.38 9.63
N PHE B 39 -15.06 0.31 8.88
CA PHE B 39 -13.64 0.47 9.19
C PHE B 39 -13.42 1.02 10.62
N PRO B 40 -12.61 0.31 11.44
CA PRO B 40 -12.37 0.66 12.85
C PRO B 40 -11.35 1.80 13.06
N GLN B 41 -11.76 3.00 12.71
CA GLN B 41 -10.89 4.18 12.67
C GLN B 41 -10.35 4.73 13.98
N GLU B 42 -10.99 4.33 15.09
CA GLU B 42 -10.58 4.74 16.43
C GLU B 42 -9.18 4.25 16.74
N GLU B 43 -8.80 3.19 16.04
CA GLU B 43 -7.48 2.61 16.16
C GLU B 43 -6.47 3.62 15.71
N PHE B 44 -6.95 4.59 14.93
CA PHE B 44 -6.11 5.66 14.42
C PHE B 44 -6.56 7.05 14.91
N GLU B 52 4.18 4.05 18.81
CA GLU B 52 2.92 4.08 19.53
C GLU B 52 1.87 3.21 18.83
N THR B 53 1.47 3.63 17.64
CA THR B 53 0.45 2.91 16.88
C THR B 53 1.03 2.00 15.82
N ILE B 54 2.34 2.04 15.66
CA ILE B 54 2.96 1.39 14.51
C ILE B 54 2.46 -0.02 14.23
N PRO B 55 2.23 -0.81 15.28
CA PRO B 55 1.85 -2.21 15.03
C PRO B 55 0.53 -2.35 14.28
N VAL B 56 -0.40 -1.42 14.48
CA VAL B 56 -1.66 -1.48 13.76
C VAL B 56 -1.45 -1.09 12.30
N LEU B 57 -0.58 -0.10 12.07
CA LEU B 57 -0.25 0.33 10.70
C LEU B 57 0.42 -0.73 9.85
N TYR B 58 1.48 -1.35 10.37
CA TYR B 58 2.13 -2.39 9.62
C TYR B 58 1.12 -3.46 9.27
N ASN B 59 0.28 -3.82 10.24
CA ASN B 59 -0.80 -4.77 10.00
C ASN B 59 -1.71 -4.28 8.88
N MET B 60 -2.27 -3.09 9.03
CA MET B 60 -3.07 -2.46 7.99
C MET B 60 -2.46 -2.57 6.60
N ILE B 61 -1.28 -2.01 6.38
CA ILE B 61 -0.67 -2.08 5.07
C ILE B 61 -0.44 -3.50 4.56
N SER B 62 0.17 -4.35 5.36
CA SER B 62 0.57 -5.66 4.85
C SER B 62 -0.63 -6.33 4.24
N GLN B 63 -1.82 -5.86 4.63
CA GLN B 63 -3.04 -6.42 4.10
C GLN B 63 -3.41 -5.86 2.75
N ILE B 64 -3.16 -4.57 2.58
CA ILE B 64 -3.39 -3.90 1.32
C ILE B 64 -2.49 -4.47 0.24
N PHE B 65 -1.21 -4.59 0.56
CA PHE B 65 -0.24 -5.19 -0.33
C PHE B 65 -0.77 -6.56 -0.76
N ASN B 66 -0.91 -7.43 0.23
CA ASN B 66 -1.24 -8.83 -0.01
C ASN B 66 -2.64 -8.97 -0.62
N LEU B 67 -3.45 -7.92 -0.51
CA LEU B 67 -4.79 -7.87 -1.13
C LEU B 67 -4.82 -7.49 -2.61
N PHE B 68 -4.01 -6.53 -2.98
CA PHE B 68 -3.97 -6.01 -4.34
C PHE B 68 -2.97 -6.78 -5.16
N SER B 69 -2.47 -7.85 -4.56
CA SER B 69 -1.49 -8.71 -5.17
C SER B 69 -2.11 -10.00 -5.66
N THR B 70 -3.42 -10.15 -5.53
CA THR B 70 -4.02 -11.42 -5.92
C THR B 70 -4.11 -11.52 -7.44
N LYS B 71 -4.27 -12.74 -7.94
CA LYS B 71 -4.51 -12.93 -9.36
C LYS B 71 -5.77 -12.17 -9.73
N ASP B 72 -6.69 -12.04 -8.78
CA ASP B 72 -7.93 -11.32 -8.97
C ASP B 72 -7.74 -9.82 -9.08
N SER B 73 -6.90 -9.28 -8.23
CA SER B 73 -6.59 -7.87 -8.34
C SER B 73 -5.93 -7.50 -9.65
N SER B 74 -5.04 -8.38 -10.13
CA SER B 74 -4.27 -8.16 -11.36
C SER B 74 -5.09 -8.03 -12.62
N ALA B 75 -6.23 -8.71 -12.63
CA ALA B 75 -7.14 -8.68 -13.75
C ALA B 75 -7.96 -7.39 -13.73
N ALA B 76 -8.13 -6.81 -12.53
CA ALA B 76 -8.94 -5.62 -12.36
C ALA B 76 -8.27 -4.25 -12.65
N TRP B 77 -6.96 -4.15 -12.50
CA TRP B 77 -6.26 -2.84 -12.55
C TRP B 77 -5.07 -2.72 -13.51
N ASP B 78 -4.79 -1.49 -13.93
CA ASP B 78 -3.66 -1.24 -14.84
C ASP B 78 -2.35 -1.74 -14.20
N GLU B 79 -1.59 -2.53 -14.95
CA GLU B 79 -0.37 -3.07 -14.39
C GLU B 79 0.66 -2.02 -14.01
N THR B 80 0.72 -0.94 -14.78
CA THR B 80 1.69 0.08 -14.50
C THR B 80 1.30 0.78 -13.22
N LEU B 81 0.02 1.05 -13.03
CA LEU B 81 -0.41 1.69 -11.80
C LEU B 81 -0.27 0.74 -10.63
N LEU B 82 -0.78 -0.47 -10.78
CA LEU B 82 -0.64 -1.41 -9.70
C LEU B 82 0.85 -1.37 -9.29
N ASP B 83 1.73 -1.56 -10.24
CA ASP B 83 3.15 -1.60 -9.93
C ASP B 83 3.54 -0.37 -9.13
N LYS B 84 3.34 0.82 -9.66
CA LYS B 84 3.82 2.01 -8.96
C LYS B 84 3.30 1.97 -7.54
N PHE B 85 2.16 1.32 -7.35
CA PHE B 85 1.48 1.18 -6.06
C PHE B 85 2.22 0.29 -5.06
N TYR B 86 2.57 -0.89 -5.52
CA TYR B 86 3.29 -1.83 -4.73
C TYR B 86 4.58 -1.15 -4.27
N THR B 87 5.21 -0.44 -5.19
CA THR B 87 6.46 0.24 -4.91
C THR B 87 6.31 1.20 -3.74
N GLU B 88 5.26 2.02 -3.73
CA GLU B 88 5.03 2.91 -2.58
C GLU B 88 4.85 2.19 -1.27
N LEU B 89 4.03 1.15 -1.27
CA LEU B 89 3.82 0.35 -0.06
C LEU B 89 5.05 -0.48 0.34
N TYR B 90 5.81 -0.90 -0.66
CA TYR B 90 6.98 -1.69 -0.39
C TYR B 90 7.90 -0.84 0.50
N GLN B 91 8.16 0.38 0.06
CA GLN B 91 9.00 1.25 0.82
C GLN B 91 8.40 1.62 2.18
N GLN B 92 7.09 1.70 2.22
CA GLN B 92 6.33 1.98 3.44
C GLN B 92 6.56 0.85 4.44
N LEU B 93 6.50 -0.40 3.99
CA LEU B 93 6.68 -1.50 4.93
C LEU B 93 8.07 -1.59 5.56
N ASN B 94 9.09 -1.39 4.75
CA ASN B 94 10.46 -1.32 5.25
C ASN B 94 10.60 -0.24 6.29
N ASP B 95 9.97 0.92 6.07
CA ASP B 95 10.08 1.98 7.04
C ASP B 95 9.54 1.55 8.37
N LEU B 96 8.43 0.80 8.32
CA LEU B 96 7.79 0.30 9.53
C LEU B 96 8.49 -0.91 10.11
N GLU B 97 9.03 -1.71 9.23
CA GLU B 97 9.72 -2.90 9.64
C GLU B 97 10.86 -2.40 10.54
N ALA B 98 11.71 -1.54 9.98
CA ALA B 98 12.80 -0.85 10.67
C ALA B 98 12.52 -0.43 12.11
N CYS B 99 11.59 0.49 12.30
CA CYS B 99 11.25 0.88 13.67
C CYS B 99 10.89 -0.39 14.42
N VAL B 100 11.66 -0.70 15.47
CA VAL B 100 11.73 -2.06 15.99
C VAL B 100 13.09 -2.49 16.55
N ASP B 115 -5.16 -7.42 19.46
CA ASP B 115 -6.60 -7.25 19.36
C ASP B 115 -6.95 -6.24 18.27
N SER B 116 -6.31 -5.07 18.32
CA SER B 116 -6.55 -4.02 17.35
C SER B 116 -6.32 -4.57 15.94
N ILE B 117 -5.24 -5.29 15.75
CA ILE B 117 -4.95 -5.93 14.47
C ILE B 117 -6.00 -6.99 14.20
N LEU B 118 -6.46 -7.66 15.26
CA LEU B 118 -7.45 -8.71 15.10
C LEU B 118 -8.65 -8.03 14.49
N ALA B 119 -9.00 -6.87 15.02
CA ALA B 119 -10.11 -6.11 14.46
C ALA B 119 -9.82 -5.62 13.03
N VAL B 120 -8.61 -5.14 12.79
CA VAL B 120 -8.19 -4.70 11.46
C VAL B 120 -8.14 -5.86 10.50
N ARG B 121 -7.83 -7.05 11.01
CA ARG B 121 -7.78 -8.23 10.16
C ARG B 121 -9.22 -8.67 9.80
N LYS B 122 -10.12 -8.67 10.79
CA LYS B 122 -11.53 -9.02 10.57
C LYS B 122 -12.17 -8.13 9.50
N TYR B 123 -11.81 -6.86 9.53
CA TYR B 123 -12.24 -5.88 8.54
C TYR B 123 -11.93 -6.34 7.12
N PHE B 124 -10.72 -6.82 6.91
CA PHE B 124 -10.30 -7.34 5.62
C PHE B 124 -11.00 -8.64 5.31
N GLN B 125 -11.43 -9.33 6.35
CA GLN B 125 -12.28 -10.49 6.15
C GLN B 125 -13.61 -10.06 5.54
N ARG B 126 -14.15 -8.96 6.04
CA ARG B 126 -15.38 -8.38 5.54
C ARG B 126 -15.30 -7.98 4.07
N ILE B 127 -14.21 -7.29 3.74
CA ILE B 127 -13.90 -6.92 2.37
C ILE B 127 -13.76 -8.12 1.42
N THR B 128 -12.98 -9.11 1.84
CA THR B 128 -12.73 -10.29 1.02
C THR B 128 -14.05 -10.96 0.69
N LEU B 129 -14.89 -11.07 1.69
CA LEU B 129 -16.19 -11.67 1.53
C LEU B 129 -17.07 -10.87 0.57
N TYR B 130 -17.07 -9.55 0.68
CA TYR B 130 -17.86 -8.71 -0.21
C TYR B 130 -17.56 -8.98 -1.68
N LEU B 131 -16.28 -8.99 -2.01
CA LEU B 131 -15.87 -9.22 -3.38
C LEU B 131 -16.30 -10.58 -3.90
N LYS B 132 -16.16 -11.60 -3.07
CA LYS B 132 -16.56 -12.94 -3.47
C LYS B 132 -18.03 -12.95 -3.87
N GLU B 133 -18.87 -12.52 -2.95
CA GLU B 133 -20.29 -12.46 -3.18
C GLU B 133 -20.55 -11.68 -4.46
N LYS B 134 -19.78 -10.61 -4.70
CA LYS B 134 -20.04 -9.78 -5.87
C LYS B 134 -19.43 -10.39 -7.11
N LYS B 135 -18.80 -11.55 -6.95
CA LYS B 135 -18.13 -12.17 -8.06
C LYS B 135 -17.17 -11.18 -8.67
N TYR B 136 -16.57 -10.34 -7.84
CA TYR B 136 -15.61 -9.39 -8.32
C TYR B 136 -16.14 -8.60 -9.51
N SER B 137 -17.39 -8.18 -9.44
CA SER B 137 -17.93 -7.41 -10.55
C SER B 137 -17.10 -6.14 -10.65
N PRO B 138 -17.05 -5.53 -11.84
CA PRO B 138 -16.34 -4.26 -12.07
C PRO B 138 -16.77 -3.19 -11.07
N CYS B 139 -18.08 -3.08 -10.83
CA CYS B 139 -18.60 -2.12 -9.85
C CYS B 139 -18.19 -2.51 -8.45
N ALA B 140 -18.15 -3.80 -8.18
CA ALA B 140 -17.78 -4.28 -6.85
C ALA B 140 -16.35 -3.89 -6.57
N TRP B 141 -15.50 -3.91 -7.59
CA TRP B 141 -14.10 -3.49 -7.44
C TRP B 141 -13.94 -1.96 -7.14
N GLU B 142 -14.78 -1.15 -7.78
CA GLU B 142 -14.82 0.29 -7.55
C GLU B 142 -15.30 0.61 -6.15
N VAL B 143 -16.33 -0.10 -5.70
CA VAL B 143 -16.81 0.08 -4.34
C VAL B 143 -15.64 -0.09 -3.38
N VAL B 144 -14.82 -1.13 -3.57
CA VAL B 144 -13.64 -1.40 -2.72
C VAL B 144 -12.46 -0.41 -2.87
N ARG B 145 -12.11 -0.07 -4.11
CA ARG B 145 -11.06 0.91 -4.33
C ARG B 145 -11.34 2.20 -3.59
N ALA B 146 -12.53 2.76 -3.79
CA ALA B 146 -12.90 4.01 -3.15
C ALA B 146 -12.90 3.88 -1.64
N GLU B 147 -13.26 2.70 -1.15
CA GLU B 147 -13.26 2.44 0.29
C GLU B 147 -11.87 2.37 0.89
N ILE B 148 -10.92 1.79 0.14
CA ILE B 148 -9.57 1.73 0.63
C ILE B 148 -8.96 3.13 0.71
N MET B 149 -9.28 4.00 -0.24
CA MET B 149 -8.79 5.37 -0.18
C MET B 149 -9.21 6.06 1.13
N ARG B 150 -10.44 5.83 1.57
CA ARG B 150 -10.90 6.36 2.86
C ARG B 150 -10.15 5.72 4.00
N SER B 151 -10.01 4.40 3.97
CA SER B 151 -9.37 3.69 5.07
C SER B 151 -7.95 4.20 5.27
N PHE B 152 -7.22 4.18 4.17
CA PHE B 152 -5.88 4.70 4.15
C PHE B 152 -5.67 6.15 4.55
N SER B 153 -6.55 7.01 4.05
CA SER B 153 -6.42 8.43 4.31
C SER B 153 -6.70 8.72 5.75
N LEU B 154 -7.64 7.97 6.32
CA LEU B 154 -8.00 8.06 7.73
C LEU B 154 -6.81 7.68 8.59
N SER B 155 -6.19 6.56 8.25
CA SER B 155 -5.09 6.05 9.03
C SER B 155 -3.84 6.92 8.92
N THR B 156 -3.79 7.79 7.91
CA THR B 156 -2.62 8.64 7.69
C THR B 156 -2.65 10.02 8.39
N ASN B 157 -3.80 10.42 8.89
CA ASN B 157 -3.95 11.78 9.42
C ASN B 157 -4.39 11.85 10.87
N SER C 5 -19.55 16.48 -22.69
CA SER C 5 -19.97 16.54 -21.29
C SER C 5 -19.37 17.74 -20.57
N CYS C 6 -19.29 17.66 -19.25
CA CYS C 6 -18.89 18.78 -18.41
C CYS C 6 -17.66 18.63 -17.53
N THR C 7 -16.88 19.71 -17.46
CA THR C 7 -15.67 19.76 -16.63
C THR C 7 -15.96 20.34 -15.26
N PHE C 8 -15.42 19.72 -14.21
CA PHE C 8 -15.73 20.16 -12.87
C PHE C 8 -14.46 20.71 -12.26
N LYS C 9 -14.51 21.93 -11.76
CA LYS C 9 -13.38 22.47 -11.00
C LYS C 9 -13.80 22.75 -9.56
N ILE C 10 -12.97 22.32 -8.64
CA ILE C 10 -13.20 22.57 -7.23
C ILE C 10 -12.14 23.37 -6.52
N SER C 11 -12.51 24.52 -5.97
CA SER C 11 -11.54 25.47 -5.44
C SER C 11 -12.03 25.79 -4.04
N LEU C 12 -11.16 26.35 -3.24
CA LEU C 12 -11.53 26.86 -1.94
C LEU C 12 -11.16 28.32 -1.86
N ARG C 13 -12.16 29.20 -1.78
CA ARG C 13 -11.87 30.64 -1.83
C ARG C 13 -12.26 31.42 -0.60
N ASN C 14 -11.24 31.89 0.10
CA ASN C 14 -11.42 32.57 1.37
C ASN C 14 -12.36 31.73 2.25
N PHE C 15 -11.85 30.58 2.65
CA PHE C 15 -12.58 29.70 3.53
C PHE C 15 -13.93 29.19 3.08
N ARG C 16 -14.15 29.04 1.79
CA ARG C 16 -15.34 28.34 1.37
C ARG C 16 -15.05 27.55 0.13
N SER C 17 -15.61 26.35 0.05
CA SER C 17 -15.35 25.45 -1.06
C SER C 17 -16.28 25.67 -2.23
N ILE C 18 -15.79 26.08 -3.38
CA ILE C 18 -16.72 26.37 -4.46
C ILE C 18 -16.54 25.35 -5.55
N LEU C 19 -17.57 24.56 -5.76
CA LEU C 19 -17.59 23.64 -6.87
C LEU C 19 -18.20 24.41 -8.02
N SER C 20 -17.50 24.36 -9.14
CA SER C 20 -17.94 24.98 -10.38
C SER C 20 -17.85 24.04 -11.58
N TRP C 21 -18.58 24.35 -12.66
CA TRP C 21 -18.55 23.49 -13.83
C TRP C 21 -18.59 24.29 -15.12
N GLU C 22 -18.06 23.68 -16.16
CA GLU C 22 -18.10 24.16 -17.54
C GLU C 22 -18.57 23.05 -18.48
N LEU C 23 -19.33 23.40 -19.51
CA LEU C 23 -19.82 22.40 -20.45
C LEU C 23 -19.05 22.32 -21.76
N LYS C 24 -18.70 21.10 -22.17
CA LYS C 24 -18.08 20.85 -23.46
C LYS C 24 -19.10 20.35 -24.52
N ASN C 25 -19.19 21.09 -25.62
CA ASN C 25 -20.04 20.82 -26.79
C ASN C 25 -21.55 20.65 -26.60
N HIS C 26 -22.21 21.72 -26.15
CA HIS C 26 -23.65 21.65 -25.83
C HIS C 26 -24.31 22.74 -26.71
N SER C 27 -25.25 22.34 -27.55
CA SER C 27 -25.96 23.32 -28.35
C SER C 27 -27.07 23.91 -27.50
N ILE C 28 -28.01 23.09 -27.08
CA ILE C 28 -29.00 23.61 -26.17
C ILE C 28 -28.34 23.64 -24.79
N VAL C 29 -28.18 24.85 -24.26
CA VAL C 29 -27.68 24.99 -22.91
C VAL C 29 -28.78 25.27 -21.88
N PRO C 30 -28.67 24.61 -20.73
CA PRO C 30 -29.56 24.66 -19.56
C PRO C 30 -29.84 26.09 -19.07
N THR C 31 -30.95 26.27 -18.38
CA THR C 31 -31.29 27.56 -17.79
C THR C 31 -31.04 27.47 -16.27
N HIS C 32 -31.78 26.55 -15.64
CA HIS C 32 -31.64 26.10 -14.25
C HIS C 32 -30.87 24.78 -14.09
N TYR C 33 -30.01 24.71 -13.09
CA TYR C 33 -29.14 23.55 -12.85
C TYR C 33 -29.48 23.03 -11.46
N THR C 34 -29.36 21.72 -11.25
CA THR C 34 -29.42 21.15 -9.89
C THR C 34 -28.25 20.17 -9.65
N LEU C 35 -27.50 20.39 -8.56
CA LEU C 35 -26.39 19.50 -8.16
C LEU C 35 -26.74 18.62 -6.95
N LEU C 36 -26.42 17.33 -7.06
CA LEU C 36 -26.58 16.36 -5.98
C LEU C 36 -25.28 15.64 -5.61
N TYR C 37 -25.21 15.08 -4.40
CA TYR C 37 -24.04 14.27 -4.06
C TYR C 37 -24.35 13.18 -3.05
N THR C 38 -23.49 12.19 -2.98
CA THR C 38 -23.46 11.25 -1.86
C THR C 38 -22.00 10.84 -1.68
N ILE C 39 -21.76 9.84 -0.86
CA ILE C 39 -20.40 9.36 -0.71
C ILE C 39 -20.49 7.86 -0.99
N MET C 40 -19.34 7.26 -1.23
CA MET C 40 -19.24 5.84 -1.55
C MET C 40 -19.25 4.92 -0.33
N SER C 41 -18.78 5.43 0.80
CA SER C 41 -18.49 4.57 1.92
C SER C 41 -19.74 4.04 2.61
N LYS C 42 -20.89 4.64 2.32
CA LYS C 42 -22.17 4.14 2.82
C LYS C 42 -23.19 4.27 1.69
N PRO C 43 -24.17 3.38 1.64
CA PRO C 43 -25.15 3.43 0.55
C PRO C 43 -26.23 4.49 0.83
N GLU C 44 -25.85 5.76 0.96
CA GLU C 44 -26.81 6.81 1.26
C GLU C 44 -27.39 7.43 0.02
N ASP C 45 -28.62 7.91 0.14
CA ASP C 45 -29.31 8.51 -0.99
C ASP C 45 -28.66 9.81 -1.36
N LEU C 46 -28.62 10.10 -2.66
CA LEU C 46 -28.23 11.41 -3.13
C LEU C 46 -29.04 12.49 -2.45
N LYS C 47 -28.35 13.41 -1.79
CA LYS C 47 -29.01 14.54 -1.22
C LYS C 47 -28.83 15.65 -2.23
N VAL C 48 -29.90 16.35 -2.55
CA VAL C 48 -29.76 17.59 -3.28
C VAL C 48 -29.16 18.58 -2.34
N VAL C 49 -28.22 19.36 -2.85
CA VAL C 49 -27.61 20.38 -2.04
C VAL C 49 -28.51 21.62 -2.12
N LYS C 50 -28.92 22.06 -0.94
CA LYS C 50 -29.95 23.08 -0.77
C LYS C 50 -29.79 24.28 -1.67
N ASN C 51 -28.68 24.99 -1.49
CA ASN C 51 -28.50 26.29 -2.13
C ASN C 51 -28.26 26.22 -3.62
N CYS C 52 -27.85 25.04 -4.08
CA CYS C 52 -27.47 24.82 -5.46
C CYS C 52 -28.51 24.18 -6.38
N ALA C 53 -29.72 23.95 -5.85
CA ALA C 53 -30.79 23.40 -6.67
C ALA C 53 -31.44 24.51 -7.50
N ASN C 54 -31.66 24.21 -8.79
CA ASN C 54 -32.27 25.15 -9.75
C ASN C 54 -31.74 26.60 -9.64
N THR C 55 -30.43 26.72 -9.43
CA THR C 55 -29.75 28.01 -9.59
C THR C 55 -29.47 28.24 -11.04
N THR C 56 -29.32 29.50 -11.39
CA THR C 56 -28.92 29.87 -12.72
C THR C 56 -27.41 29.70 -12.85
N ARG C 57 -26.69 30.21 -11.85
CA ARG C 57 -25.24 30.33 -11.87
C ARG C 57 -24.49 29.01 -11.91
N SER C 58 -23.32 28.97 -12.53
CA SER C 58 -22.65 27.71 -12.57
C SER C 58 -21.85 27.42 -11.32
N PHE C 59 -22.10 27.85 -10.11
CA PHE C 59 -21.06 27.38 -9.18
C PHE C 59 -21.64 27.01 -7.86
N CYS C 60 -21.16 25.97 -7.18
CA CYS C 60 -21.92 25.83 -5.93
C CYS C 60 -21.11 25.94 -4.66
N ASP C 61 -21.56 26.70 -3.65
CA ASP C 61 -20.85 26.66 -2.37
C ASP C 61 -21.21 25.42 -1.52
N LEU C 62 -20.29 24.47 -1.47
CA LEU C 62 -20.47 23.21 -0.76
C LEU C 62 -19.84 23.17 0.63
N THR C 63 -19.44 24.31 1.18
CA THR C 63 -18.63 24.30 2.40
C THR C 63 -19.28 23.56 3.56
N ASP C 64 -20.57 23.76 3.73
CA ASP C 64 -21.29 23.14 4.84
C ASP C 64 -21.64 21.70 4.53
N GLU C 65 -21.49 21.28 3.27
CA GLU C 65 -21.88 19.93 2.93
C GLU C 65 -20.74 18.90 3.04
N TRP C 66 -19.58 19.24 2.47
CA TRP C 66 -18.42 18.34 2.36
C TRP C 66 -17.37 18.56 3.45
N ARG C 67 -17.55 17.95 4.61
CA ARG C 67 -16.68 18.29 5.73
C ARG C 67 -15.33 17.57 5.66
N SER C 68 -15.39 16.28 5.34
CA SER C 68 -14.24 15.39 5.49
C SER C 68 -13.44 15.28 4.19
N THR C 69 -12.12 15.23 4.32
CA THR C 69 -11.23 15.01 3.18
C THR C 69 -11.07 13.53 2.97
N HIS C 70 -11.83 12.76 3.74
CA HIS C 70 -11.63 11.33 3.77
C HIS C 70 -12.75 10.55 3.10
N GLU C 71 -13.50 11.21 2.23
CA GLU C 71 -14.58 10.53 1.50
C GLU C 71 -14.43 10.66 0.01
N ALA C 72 -14.91 9.65 -0.70
CA ALA C 72 -15.06 9.79 -2.15
C ALA C 72 -16.44 10.34 -2.44
N TYR C 73 -16.50 11.57 -2.91
CA TYR C 73 -17.76 12.22 -3.21
C TYR C 73 -18.21 11.99 -4.64
N VAL C 74 -19.48 11.64 -4.84
CA VAL C 74 -19.97 11.44 -6.20
C VAL C 74 -21.08 12.46 -6.43
N THR C 75 -20.94 13.28 -7.47
CA THR C 75 -21.87 14.37 -7.71
C THR C 75 -22.56 14.12 -9.02
N VAL C 76 -23.77 14.63 -9.13
CA VAL C 76 -24.51 14.60 -10.37
C VAL C 76 -25.07 15.98 -10.62
N LEU C 77 -24.77 16.53 -11.79
CA LEU C 77 -25.28 17.84 -12.13
C LEU C 77 -26.28 17.69 -13.26
N GLU C 78 -27.47 18.21 -13.00
CA GLU C 78 -28.62 18.23 -13.89
C GLU C 78 -28.96 19.60 -14.44
N GLY C 79 -29.32 19.70 -15.71
CA GLY C 79 -29.69 21.01 -16.21
C GLY C 79 -30.98 20.92 -17.01
N PHE C 80 -31.76 21.99 -16.92
CA PHE C 80 -33.10 22.00 -17.50
C PHE C 80 -33.25 23.25 -18.33
N SER C 81 -33.91 23.14 -19.47
CA SER C 81 -34.64 24.26 -20.00
C SER C 81 -35.96 23.72 -20.52
N GLY C 82 -37.05 23.93 -19.78
CA GLY C 82 -38.30 23.54 -20.37
C GLY C 82 -39.24 22.83 -19.42
N ASN C 83 -40.16 22.11 -20.05
CA ASN C 83 -40.87 21.03 -19.41
C ASN C 83 -39.83 19.94 -19.45
N THR C 84 -38.64 20.34 -19.90
CA THR C 84 -37.50 19.45 -20.21
C THR C 84 -36.32 19.49 -19.22
N THR C 85 -35.96 18.32 -18.69
CA THR C 85 -34.60 18.11 -18.16
C THR C 85 -33.70 17.79 -19.36
N LEU C 86 -32.54 18.41 -19.45
CA LEU C 86 -31.67 18.18 -20.59
C LEU C 86 -30.56 17.16 -20.51
N PHE C 87 -29.94 17.02 -19.35
CA PHE C 87 -28.95 15.97 -19.14
C PHE C 87 -28.36 16.06 -17.75
N SER C 88 -27.72 14.98 -17.31
CA SER C 88 -27.02 15.04 -16.04
C SER C 88 -25.70 14.26 -16.04
N CYS C 89 -24.67 15.06 -15.78
CA CYS C 89 -23.29 14.64 -15.68
C CYS C 89 -23.02 14.09 -14.30
N SER C 90 -22.10 13.14 -14.20
CA SER C 90 -21.58 12.75 -12.90
C SER C 90 -20.07 12.91 -12.91
N HIS C 91 -19.51 13.00 -11.72
CA HIS C 91 -18.07 13.13 -11.55
C HIS C 91 -17.73 12.74 -10.12
N ASN C 92 -16.45 12.46 -9.87
CA ASN C 92 -16.04 12.18 -8.51
C ASN C 92 -14.93 13.10 -8.05
N PHE C 93 -14.88 13.28 -6.74
CA PHE C 93 -13.91 14.16 -6.11
C PHE C 93 -13.32 13.54 -4.85
N TRP C 94 -12.00 13.69 -4.68
CA TRP C 94 -11.26 13.46 -3.44
C TRP C 94 -10.65 14.77 -2.91
N LEU C 95 -11.16 15.30 -1.82
CA LEU C 95 -10.82 16.66 -1.47
C LEU C 95 -9.31 16.89 -1.34
N ALA C 96 -8.62 15.94 -0.73
CA ALA C 96 -7.18 16.09 -0.51
C ALA C 96 -6.34 16.19 -1.80
N ILE C 97 -6.89 15.70 -2.91
CA ILE C 97 -6.21 15.68 -4.21
C ILE C 97 -6.73 16.71 -5.23
N ASP C 98 -8.05 16.82 -5.30
CA ASP C 98 -8.73 17.59 -6.33
C ASP C 98 -8.91 19.04 -5.94
N MET C 99 -8.85 19.33 -4.64
CA MET C 99 -9.04 20.70 -4.17
C MET C 99 -7.91 21.59 -4.67
N SER C 100 -8.15 22.90 -4.61
CA SER C 100 -7.15 23.90 -4.92
C SER C 100 -7.44 25.03 -3.97
N PHE C 101 -6.41 25.45 -3.26
CA PHE C 101 -6.52 26.45 -2.22
C PHE C 101 -6.21 27.90 -2.58
N GLU C 102 -7.25 28.73 -2.73
CA GLU C 102 -7.01 30.12 -3.15
C GLU C 102 -6.42 30.92 -1.98
N PRO C 103 -5.52 31.87 -2.30
CA PRO C 103 -4.77 32.71 -1.37
C PRO C 103 -5.70 33.72 -0.68
N PRO C 104 -5.43 34.07 0.58
CA PRO C 104 -6.20 35.06 1.32
C PRO C 104 -5.99 36.46 0.80
N GLU C 105 -6.95 37.34 1.07
CA GLU C 105 -6.74 38.74 0.81
C GLU C 105 -5.69 39.20 1.78
N PHE C 106 -4.89 40.19 1.42
CA PHE C 106 -3.88 40.67 2.35
C PHE C 106 -3.51 42.12 2.08
N GLU C 107 -2.92 42.76 3.09
CA GLU C 107 -2.36 44.11 2.99
C GLU C 107 -1.01 44.16 3.68
N ILE C 108 -0.18 45.13 3.31
CA ILE C 108 1.09 45.30 4.01
C ILE C 108 1.19 46.76 4.39
N VAL C 109 1.92 47.05 5.46
CA VAL C 109 2.26 48.42 5.77
C VAL C 109 3.75 48.47 6.12
N GLY C 110 4.51 49.29 5.43
CA GLY C 110 5.93 49.43 5.72
C GLY C 110 6.16 50.39 6.86
N PHE C 111 6.90 49.95 7.87
CA PHE C 111 7.29 50.82 8.96
C PHE C 111 8.81 50.92 8.86
N THR C 112 9.45 51.60 9.81
CA THR C 112 10.88 51.85 9.78
C THR C 112 11.79 50.62 9.52
N ASN C 113 11.88 49.72 10.50
CA ASN C 113 12.58 48.43 10.38
C ASN C 113 11.70 47.18 10.17
N HIS C 114 10.40 47.35 9.88
CA HIS C 114 9.52 46.20 9.73
C HIS C 114 8.25 46.40 8.92
N ILE C 115 7.58 45.30 8.60
CA ILE C 115 6.29 45.34 7.87
C ILE C 115 5.10 44.65 8.55
N ASN C 116 3.96 45.34 8.68
CA ASN C 116 2.75 44.67 9.12
C ASN C 116 2.03 44.05 7.96
N VAL C 117 1.82 42.74 8.04
CA VAL C 117 1.03 42.05 7.07
C VAL C 117 -0.29 41.69 7.73
N MET C 118 -1.40 42.17 7.20
CA MET C 118 -2.67 41.79 7.79
C MET C 118 -3.36 40.90 6.80
N VAL C 119 -3.56 39.68 7.22
CA VAL C 119 -4.19 38.71 6.37
C VAL C 119 -5.62 38.74 6.82
N LYS C 120 -6.51 38.87 5.87
CA LYS C 120 -7.91 38.95 6.18
C LYS C 120 -8.50 37.57 6.18
N PHE C 121 -8.82 37.04 7.36
CA PHE C 121 -9.59 35.84 7.34
C PHE C 121 -10.99 36.19 7.78
N PRO C 122 -11.95 35.30 7.49
CA PRO C 122 -13.30 35.60 7.92
C PRO C 122 -13.43 35.03 9.32
N SER C 123 -14.53 35.34 9.98
CA SER C 123 -14.79 34.76 11.28
C SER C 123 -15.81 33.62 11.20
N GLN C 130 -10.99 23.29 8.32
CA GLN C 130 -11.53 21.96 8.00
C GLN C 130 -10.42 21.07 7.44
N PHE C 131 -9.29 21.70 7.16
CA PHE C 131 -8.14 21.04 6.57
C PHE C 131 -6.89 21.12 7.42
N ASP C 132 -5.91 20.33 6.99
CA ASP C 132 -4.58 20.27 7.55
C ASP C 132 -3.59 21.30 6.97
N LEU C 133 -4.10 22.28 6.22
CA LEU C 133 -3.34 23.35 5.51
C LEU C 133 -2.32 24.16 6.32
N SER C 134 -1.19 24.52 5.69
CA SER C 134 -0.22 25.44 6.32
C SER C 134 -0.11 26.81 5.62
N LEU C 135 -0.04 27.87 6.42
CA LEU C 135 0.22 29.22 5.92
C LEU C 135 1.68 29.57 5.72
N VAL C 136 1.99 30.09 4.53
CA VAL C 136 3.32 30.58 4.21
C VAL C 136 3.23 32.05 3.82
N ILE C 137 3.78 32.97 4.58
CA ILE C 137 3.92 34.33 4.08
C ILE C 137 5.33 34.44 3.54
N GLU C 138 5.44 34.62 2.22
CA GLU C 138 6.73 34.80 1.57
C GLU C 138 7.26 36.20 1.72
N GLU C 139 8.53 36.34 2.06
CA GLU C 139 9.09 37.67 2.12
C GLU C 139 10.15 37.58 1.05
N GLN C 140 10.05 38.46 0.06
CA GLN C 140 10.96 38.42 -1.07
C GLN C 140 11.63 39.78 -1.22
N SER C 141 12.96 39.81 -1.34
CA SER C 141 13.65 41.04 -1.67
C SER C 141 15.03 40.83 -2.26
N GLU C 142 15.44 41.72 -3.15
CA GLU C 142 16.74 41.63 -3.78
C GLU C 142 16.92 40.23 -4.37
N GLY C 143 15.82 39.67 -4.88
CA GLY C 143 15.84 38.39 -5.58
C GLY C 143 15.83 37.23 -4.59
N ILE C 144 15.70 37.55 -3.32
CA ILE C 144 15.84 36.54 -2.26
C ILE C 144 14.51 36.27 -1.52
N VAL C 145 14.09 34.99 -1.51
CA VAL C 145 12.81 34.60 -0.89
C VAL C 145 12.85 33.84 0.44
N LYS C 146 12.15 34.35 1.45
CA LYS C 146 12.00 33.66 2.75
C LYS C 146 10.59 33.17 3.03
N LYS C 147 10.45 31.94 3.50
CA LYS C 147 9.15 31.39 3.86
C LYS C 147 8.90 31.68 5.34
N HIS C 148 7.77 32.26 5.70
CA HIS C 148 7.40 32.38 7.10
C HIS C 148 6.17 31.54 7.39
N LYS C 149 6.21 30.73 8.42
CA LYS C 149 5.08 29.89 8.77
C LYS C 149 4.70 30.12 10.24
N PRO C 150 3.91 31.16 10.50
CA PRO C 150 3.42 31.57 11.83
C PRO C 150 2.59 30.47 12.51
N MET C 156 -7.56 29.68 12.52
CA MET C 156 -7.18 30.98 11.96
C MET C 156 -8.41 31.83 11.60
N SER C 157 -8.95 32.53 12.58
CA SER C 157 -10.24 33.21 12.38
C SER C 157 -10.12 34.71 12.54
N GLY C 158 -11.00 35.43 11.83
CA GLY C 158 -10.94 36.88 11.82
C GLY C 158 -9.64 37.39 11.24
N ASN C 159 -9.44 38.69 11.27
CA ASN C 159 -8.19 39.27 10.77
C ASN C 159 -6.94 38.90 11.58
N PHE C 160 -5.93 38.40 10.86
CA PHE C 160 -4.66 37.89 11.39
C PHE C 160 -3.45 38.71 10.92
N THR C 161 -2.75 39.31 11.87
CA THR C 161 -1.59 40.14 11.55
C THR C 161 -0.27 39.38 11.74
N TYR C 162 0.65 39.54 10.81
CA TYR C 162 1.99 38.97 10.97
C TYR C 162 2.98 40.04 10.57
N ILE C 163 4.03 40.14 11.39
CA ILE C 163 5.05 41.16 11.22
C ILE C 163 6.35 40.54 10.74
N ILE C 164 6.84 41.04 9.63
CA ILE C 164 8.15 40.68 9.14
C ILE C 164 9.11 41.71 9.66
N ASP C 165 9.97 41.26 10.57
CA ASP C 165 10.84 42.16 11.30
C ASP C 165 12.28 41.95 10.90
N LYS C 166 13.17 42.78 11.43
CA LYS C 166 14.55 42.85 10.96
C LYS C 166 14.58 43.29 9.50
N LEU C 167 13.74 44.27 9.17
CA LEU C 167 13.79 44.81 7.83
C LEU C 167 14.65 46.07 7.87
N ILE C 168 15.00 46.60 6.70
CA ILE C 168 15.90 47.74 6.71
C ILE C 168 15.37 48.92 5.91
N PRO C 169 15.80 50.14 6.27
CA PRO C 169 15.36 51.26 5.45
C PRO C 169 15.92 51.17 4.02
N ASN C 170 15.33 51.93 3.11
CA ASN C 170 15.81 52.08 1.74
C ASN C 170 16.03 50.83 0.87
N THR C 171 15.22 49.80 1.08
CA THR C 171 15.38 48.54 0.35
C THR C 171 13.97 48.11 -0.05
N ASN C 172 13.72 47.89 -1.35
CA ASN C 172 12.39 47.40 -1.73
C ASN C 172 12.26 45.91 -1.47
N TYR C 173 11.18 45.59 -0.76
CA TYR C 173 10.79 44.22 -0.44
C TYR C 173 9.46 43.86 -1.12
N CYS C 174 9.32 42.65 -1.69
CA CYS C 174 8.05 42.20 -2.32
C CYS C 174 7.46 40.97 -1.61
N VAL C 175 6.15 41.02 -1.32
CA VAL C 175 5.48 39.96 -0.56
C VAL C 175 4.32 39.20 -1.20
N SER C 176 4.34 37.88 -1.06
CA SER C 176 3.24 37.03 -1.48
C SER C 176 2.83 36.05 -0.39
N VAL C 177 1.56 35.69 -0.32
CA VAL C 177 1.13 34.72 0.67
C VAL C 177 0.39 33.64 -0.08
N TYR C 178 0.38 32.43 0.47
CA TYR C 178 -0.39 31.34 -0.11
C TYR C 178 -0.68 30.23 0.88
N LEU C 179 -1.63 29.36 0.56
CA LEU C 179 -1.85 28.23 1.43
C LEU C 179 -1.27 26.94 0.87
N GLU C 180 -0.59 26.20 1.75
CA GLU C 180 0.13 24.99 1.38
C GLU C 180 -0.47 23.75 2.08
N HIS C 181 -1.15 22.89 1.30
CA HIS C 181 -1.68 21.63 1.84
C HIS C 181 -0.53 20.68 2.05
N SER C 182 0.04 20.25 0.93
CA SER C 182 1.18 19.35 0.88
C SER C 182 2.11 20.09 -0.06
N ASP C 183 3.40 19.86 0.08
CA ASP C 183 4.42 20.45 -0.78
C ASP C 183 4.31 19.96 -2.23
N GLU C 184 4.03 18.67 -2.40
CA GLU C 184 3.93 18.06 -3.72
C GLU C 184 2.81 18.66 -4.57
N GLN C 185 1.66 18.89 -3.96
CA GLN C 185 0.53 19.49 -4.67
C GLN C 185 0.99 20.93 -4.91
N ALA C 186 0.52 21.52 -6.01
CA ALA C 186 0.87 22.90 -6.36
C ALA C 186 0.27 23.95 -5.43
N VAL C 187 0.95 25.09 -5.31
CA VAL C 187 0.51 26.19 -4.46
C VAL C 187 0.13 27.44 -5.25
N ILE C 188 -1.03 28.01 -4.94
CA ILE C 188 -1.51 29.19 -5.64
C ILE C 188 -1.25 30.48 -4.85
N LYS C 189 -0.30 31.27 -5.35
CA LYS C 189 0.15 32.50 -4.69
C LYS C 189 -0.63 33.77 -5.02
N SER C 190 -0.77 34.66 -4.02
CA SER C 190 -1.35 35.98 -4.21
C SER C 190 -0.40 36.78 -5.11
N PRO C 191 -0.90 37.86 -5.73
CA PRO C 191 -0.07 38.84 -6.42
C PRO C 191 0.90 39.50 -5.48
N LEU C 192 2.01 40.06 -6.01
CA LEU C 192 2.96 40.71 -5.12
C LEU C 192 2.38 42.06 -4.73
N LYS C 193 2.65 42.43 -3.50
CA LYS C 193 2.47 43.78 -3.02
C LYS C 193 3.80 44.31 -2.47
N CYS C 194 4.27 45.49 -2.88
CA CYS C 194 5.65 45.90 -2.51
C CYS C 194 5.72 47.32 -1.89
N THR C 195 6.68 47.52 -0.99
CA THR C 195 6.94 48.82 -0.35
C THR C 195 8.39 48.95 0.18
N LEU C 196 8.92 50.17 0.24
CA LEU C 196 10.14 50.50 1.01
C LEU C 196 9.85 50.91 2.45
N LEU C 197 10.84 50.72 3.32
CA LEU C 197 10.58 51.12 4.69
C LEU C 197 10.85 52.61 4.86
N PRO C 198 10.00 53.27 5.67
CA PRO C 198 10.03 54.70 5.96
C PRO C 198 11.21 55.09 6.85
#